data_3LK7
#
_entry.id   3LK7
#
_cell.length_a   161.539
_cell.length_b   65.045
_cell.length_c   52.889
_cell.angle_alpha   90.000
_cell.angle_beta   107.520
_cell.angle_gamma   90.000
#
_symmetry.space_group_name_H-M   'C 1 2 1'
#
loop_
_entity.id
_entity.type
_entity.pdbx_description
1 polymer 'UDP-N-acetylmuramoylalanine--D-glutamate ligase'
2 non-polymer 'SULFATE ION'
3 non-polymer 'CHLORIDE ION'
4 water water
#
_entity_poly.entity_id   1
_entity_poly.type   'polypeptide(L)'
_entity_poly.pdbx_seq_one_letter_code
;(MSE)KTITTFENKKVLVLGLARSGEAAARLLAKLGAIVTVNDGKPFDENPTAQSLLEEGIKVVCGSHPLELLDEDFCY
(MSE)IKNPGIPYNNP(MSE)VKKALEKQIPVLTEVELAYLVSESQLIGITGSNGKTTTTT(MSE)IAEVLNAGGQRGLL
AGNIGFPASEVVQAANDKDTLV(MSE)ELSSFQL(MSE)GVKEFRPHIAVITNL(MSE)PTHLDYHGSFEDYVAAKWNIQ
NQ(MSE)SSSDFLVLNFNQGISKELAKTTKATIVPFSTTEKVDGAYVQDKQLFYKGENI(MSE)SVDDIGVPGSHNVENA
LATIAVAKLAGISNQVIRETLSNFGGVKHRLQSLGKVHGISFYNDSKSTNILATQKALSGFDNTKVILIAGGLDRGNEFD
ELIPDITGLKH(MSE)VVLGESASRVKRAAQKAGVTYSDALDVRDAVHKAYEVAQQGDVILLSPANASWD(MSE)YKNFE
VRGDEFIDTFESLRGE
;
_entity_poly.pdbx_strand_id   A
#
loop_
_chem_comp.id
_chem_comp.type
_chem_comp.name
_chem_comp.formula
CL non-polymer 'CHLORIDE ION' 'Cl -1'
SO4 non-polymer 'SULFATE ION' 'O4 S -2'
#
# COMPACT_ATOMS: atom_id res chain seq x y z
N ILE A 4 20.01 13.84 13.72
CA ILE A 4 20.23 12.37 13.53
C ILE A 4 21.59 12.12 12.84
N THR A 5 22.52 11.60 13.63
CA THR A 5 23.88 11.35 13.15
C THR A 5 24.16 9.85 13.05
N THR A 6 23.16 9.04 13.43
CA THR A 6 23.34 7.59 13.54
C THR A 6 23.78 6.86 12.25
N PHE A 7 23.62 7.53 11.11
CA PHE A 7 24.04 6.94 9.81
C PHE A 7 25.23 7.64 9.16
N GLU A 8 25.67 8.74 9.75
CA GLU A 8 26.83 9.49 9.23
C GLU A 8 28.06 8.61 9.09
N ASN A 9 28.53 8.48 7.85
CA ASN A 9 29.69 7.66 7.48
C ASN A 9 29.59 6.18 7.79
N LYS A 10 28.36 5.67 7.88
CA LYS A 10 28.11 4.23 8.02
C LYS A 10 27.77 3.65 6.66
N LYS A 11 28.27 2.46 6.37
CA LYS A 11 27.87 1.76 5.16
C LYS A 11 26.52 1.07 5.40
N VAL A 12 25.61 1.27 4.44
CA VAL A 12 24.27 0.69 4.49
C VAL A 12 23.95 0.01 3.17
N LEU A 13 23.48 -1.25 3.28
CA LEU A 13 23.07 -2.06 2.15
CA LEU A 13 23.06 -2.03 2.14
C LEU A 13 21.55 -1.98 1.99
N VAL A 14 21.10 -1.53 0.84
CA VAL A 14 19.66 -1.49 0.54
C VAL A 14 19.40 -2.67 -0.38
N LEU A 15 18.65 -3.65 0.12
CA LEU A 15 18.36 -4.87 -0.63
C LEU A 15 16.99 -4.76 -1.26
N GLY A 16 16.97 -4.61 -2.59
CA GLY A 16 15.75 -4.47 -3.35
C GLY A 16 15.40 -3.02 -3.59
N LEU A 17 14.67 -2.77 -4.66
CA LEU A 17 14.22 -1.42 -4.98
C LEU A 17 12.71 -1.40 -4.76
N ALA A 18 11.95 -1.83 -5.77
CA ALA A 18 10.49 -1.94 -5.64
C ALA A 18 9.88 -0.60 -5.16
N ARG A 19 8.91 -0.64 -4.26
CA ARG A 19 8.18 0.59 -3.91
C ARG A 19 9.04 1.62 -3.20
N SER A 20 9.85 1.17 -2.24
CA SER A 20 10.46 2.12 -1.31
C SER A 20 11.99 2.15 -1.29
N GLY A 21 12.65 1.26 -2.02
CA GLY A 21 14.10 1.15 -1.92
C GLY A 21 14.85 2.39 -2.40
N GLU A 22 14.38 2.99 -3.51
CA GLU A 22 14.97 4.26 -3.95
C GLU A 22 14.83 5.35 -2.90
N ALA A 23 13.64 5.47 -2.30
CA ALA A 23 13.42 6.49 -1.30
C ALA A 23 14.32 6.27 -0.10
N ALA A 24 14.48 5.00 0.29
CA ALA A 24 15.33 4.68 1.43
C ALA A 24 16.77 5.05 1.13
N ALA A 25 17.24 4.68 -0.08
CA ALA A 25 18.62 4.95 -0.48
C ALA A 25 18.91 6.44 -0.47
N ARG A 26 17.98 7.22 -1.01
CA ARG A 26 18.12 8.68 -1.07
C ARG A 26 18.14 9.31 0.30
N LEU A 27 17.28 8.84 1.20
CA LEU A 27 17.23 9.41 2.54
C LEU A 27 18.49 9.05 3.32
N LEU A 28 18.92 7.80 3.21
CA LEU A 28 20.17 7.37 3.81
C LEU A 28 21.34 8.24 3.33
N ALA A 29 21.40 8.52 2.03
CA ALA A 29 22.49 9.34 1.48
C ALA A 29 22.46 10.76 2.07
N LYS A 30 21.26 11.29 2.24
CA LYS A 30 21.07 12.62 2.85
C LYS A 30 21.55 12.63 4.29
N LEU A 31 21.39 11.49 4.96
CA LEU A 31 21.81 11.32 6.36
C LEU A 31 23.31 10.99 6.48
N GLY A 32 24.03 11.06 5.37
CA GLY A 32 25.48 10.84 5.37
C GLY A 32 25.96 9.41 5.25
N ALA A 33 25.02 8.48 5.02
CA ALA A 33 25.39 7.09 4.84
C ALA A 33 26.09 6.86 3.51
N ILE A 34 26.89 5.79 3.47
CA ILE A 34 27.54 5.34 2.26
C ILE A 34 26.72 4.15 1.76
N VAL A 35 25.89 4.38 0.75
CA VAL A 35 24.88 3.38 0.36
C VAL A 35 25.30 2.48 -0.79
N THR A 36 25.03 1.19 -0.63
CA THR A 36 25.09 0.25 -1.74
C THR A 36 23.69 -0.31 -1.96
N VAL A 37 23.21 -0.27 -3.20
CA VAL A 37 21.91 -0.86 -3.55
C VAL A 37 22.17 -2.18 -4.25
N ASN A 38 21.51 -3.25 -3.80
CA ASN A 38 21.60 -4.54 -4.47
C ASN A 38 20.21 -4.99 -4.95
N ASP A 39 20.07 -5.26 -6.24
CA ASP A 39 18.79 -5.67 -6.82
C ASP A 39 18.97 -6.79 -7.82
N GLY A 40 17.98 -7.68 -7.91
CA GLY A 40 18.06 -8.84 -8.81
C GLY A 40 17.88 -8.57 -10.29
N LYS A 41 17.24 -7.47 -10.64
CA LYS A 41 16.99 -7.18 -12.07
C LYS A 41 18.24 -6.58 -12.71
N PRO A 42 18.68 -7.14 -13.87
CA PRO A 42 19.89 -6.61 -14.50
C PRO A 42 19.84 -5.11 -14.76
N PHE A 43 21.00 -4.49 -14.62
CA PHE A 43 21.17 -3.05 -14.70
C PHE A 43 20.55 -2.40 -15.94
N ASP A 44 20.70 -3.06 -17.10
CA ASP A 44 20.20 -2.52 -18.37
C ASP A 44 18.67 -2.51 -18.48
N GLU A 45 18.01 -3.31 -17.65
CA GLU A 45 16.55 -3.33 -17.58
C GLU A 45 16.04 -2.61 -16.33
N ASN A 46 16.93 -1.86 -15.69
CA ASN A 46 16.65 -1.32 -14.35
C ASN A 46 16.72 0.21 -14.29
N PRO A 47 15.62 0.89 -14.65
CA PRO A 47 15.64 2.37 -14.69
C PRO A 47 15.96 3.00 -13.32
N THR A 48 15.44 2.41 -12.25
CA THR A 48 15.69 2.92 -10.89
C THR A 48 17.18 2.80 -10.51
N ALA A 49 17.78 1.66 -10.82
CA ALA A 49 19.19 1.49 -10.48
C ALA A 49 20.07 2.44 -11.29
N GLN A 50 19.72 2.65 -12.56
CA GLN A 50 20.41 3.62 -13.43
C GLN A 50 20.37 5.03 -12.84
N SER A 51 19.17 5.46 -12.42
CA SER A 51 18.98 6.79 -11.83
CA SER A 51 18.99 6.79 -11.85
C SER A 51 19.80 6.95 -10.56
N LEU A 52 19.83 5.90 -9.73
CA LEU A 52 20.60 5.93 -8.49
C LEU A 52 22.10 5.99 -8.74
N LEU A 53 22.57 5.27 -9.75
CA LEU A 53 24.00 5.31 -10.09
C LEU A 53 24.38 6.73 -10.52
N GLU A 54 23.50 7.38 -11.28
CA GLU A 54 23.69 8.78 -11.71
C GLU A 54 23.79 9.75 -10.52
N GLU A 55 23.15 9.41 -9.39
CA GLU A 55 23.22 10.22 -8.17
C GLU A 55 24.45 9.87 -7.31
N GLY A 56 25.29 8.96 -7.79
CA GLY A 56 26.51 8.56 -7.07
C GLY A 56 26.32 7.51 -5.98
N ILE A 57 25.27 6.70 -6.12
CA ILE A 57 25.04 5.61 -5.20
C ILE A 57 25.44 4.32 -5.89
N LYS A 58 26.25 3.51 -5.21
CA LYS A 58 26.75 2.25 -5.76
C LYS A 58 25.59 1.27 -5.96
N VAL A 59 25.53 0.62 -7.11
CA VAL A 59 24.51 -0.39 -7.40
C VAL A 59 25.13 -1.71 -7.85
N VAL A 60 24.53 -2.81 -7.42
CA VAL A 60 24.91 -4.15 -7.84
C VAL A 60 23.64 -4.83 -8.31
N CYS A 61 23.57 -5.11 -9.61
CA CYS A 61 22.36 -5.61 -10.24
C CYS A 61 22.57 -6.94 -10.91
N GLY A 62 21.56 -7.81 -10.85
CA GLY A 62 21.56 -9.06 -11.62
C GLY A 62 22.10 -10.22 -10.81
N SER A 63 22.62 -9.90 -9.63
CA SER A 63 23.20 -10.91 -8.74
C SER A 63 23.12 -10.44 -7.28
N HIS A 64 23.26 -11.41 -6.38
CA HIS A 64 23.26 -11.19 -4.93
C HIS A 64 24.50 -11.82 -4.35
N PRO A 65 25.63 -11.09 -4.41
CA PRO A 65 26.86 -11.72 -3.92
C PRO A 65 26.99 -11.67 -2.39
N LEU A 66 27.00 -12.85 -1.77
CA LEU A 66 27.09 -12.97 -0.30
C LEU A 66 28.34 -12.29 0.26
N GLU A 67 29.40 -12.22 -0.54
CA GLU A 67 30.66 -11.56 -0.15
C GLU A 67 30.48 -10.06 0.13
N LEU A 68 29.47 -9.46 -0.47
CA LEU A 68 29.10 -8.08 -0.19
C LEU A 68 28.91 -7.86 1.32
N LEU A 69 28.34 -8.86 2.00
CA LEU A 69 28.06 -8.77 3.45
C LEU A 69 29.27 -9.05 4.34
N ASP A 70 30.44 -9.23 3.72
CA ASP A 70 31.70 -9.30 4.45
C ASP A 70 32.24 -7.90 4.72
N GLU A 71 31.77 -6.94 3.93
CA GLU A 71 32.13 -5.53 4.10
C GLU A 71 31.57 -4.98 5.42
N ASP A 72 32.07 -3.82 5.81
CA ASP A 72 31.69 -3.22 7.08
C ASP A 72 30.32 -2.52 6.99
N PHE A 73 29.26 -3.31 6.75
CA PHE A 73 27.91 -2.77 6.73
C PHE A 73 27.36 -2.68 8.14
N CYS A 74 26.79 -1.53 8.48
CA CYS A 74 26.20 -1.35 9.81
C CYS A 74 24.69 -1.60 9.84
N TYR A 75 24.06 -1.61 8.65
CA TYR A 75 22.61 -1.79 8.50
C TYR A 75 22.29 -2.38 7.14
N MSE A 76 21.24 -3.21 7.09
CA MSE A 76 20.59 -3.57 5.84
C MSE A 76 19.15 -3.07 5.92
O MSE A 76 18.47 -3.26 6.92
CB MSE A 76 20.59 -5.09 5.60
CG MSE A 76 19.46 -5.57 4.67
SE MSE A 76 19.36 -7.51 4.35
CE MSE A 76 21.01 -7.44 3.39
N ILE A 77 18.71 -2.39 4.85
CA ILE A 77 17.31 -2.06 4.66
C ILE A 77 16.80 -3.00 3.58
N LYS A 78 15.87 -3.88 3.93
CA LYS A 78 15.36 -4.81 2.93
C LYS A 78 13.97 -4.43 2.44
N ASN A 79 13.74 -4.69 1.17
CA ASN A 79 12.39 -4.68 0.61
C ASN A 79 11.55 -5.63 1.45
N PRO A 80 10.41 -5.14 1.99
CA PRO A 80 9.67 -5.97 2.94
C PRO A 80 9.28 -7.35 2.42
N GLY A 81 8.87 -7.45 1.15
CA GLY A 81 8.36 -8.71 0.61
C GLY A 81 9.40 -9.81 0.42
N ILE A 82 10.69 -9.45 0.47
CA ILE A 82 11.74 -10.51 0.43
C ILE A 82 11.60 -11.44 1.65
N PRO A 83 11.40 -12.75 1.41
CA PRO A 83 11.26 -13.61 2.60
C PRO A 83 12.57 -13.78 3.36
N TYR A 84 12.46 -14.12 4.63
CA TYR A 84 13.63 -14.19 5.49
C TYR A 84 14.52 -15.39 5.24
N ASN A 85 14.07 -16.32 4.40
CA ASN A 85 14.92 -17.43 3.94
C ASN A 85 15.78 -17.04 2.75
N ASN A 86 15.69 -15.78 2.34
CA ASN A 86 16.54 -15.27 1.28
C ASN A 86 18.01 -15.32 1.71
N PRO A 87 18.91 -15.80 0.83
CA PRO A 87 20.32 -15.93 1.27
C PRO A 87 21.03 -14.67 1.77
N MSE A 88 20.77 -13.52 1.15
CA MSE A 88 21.31 -12.25 1.63
C MSE A 88 20.78 -11.89 3.03
O MSE A 88 21.53 -11.40 3.89
CB MSE A 88 20.98 -11.11 0.67
CG MSE A 88 21.58 -11.30 -0.70
SE MSE A 88 23.53 -11.06 -0.72
CE MSE A 88 23.65 -9.11 -0.71
N VAL A 89 19.50 -12.13 3.25
CA VAL A 89 18.91 -11.88 4.56
C VAL A 89 19.51 -12.81 5.61
N LYS A 90 19.57 -14.12 5.28
CA LYS A 90 20.17 -15.09 6.18
C LYS A 90 21.60 -14.71 6.55
N LYS A 91 22.39 -14.28 5.56
CA LYS A 91 23.77 -13.89 5.85
C LYS A 91 23.88 -12.61 6.68
N ALA A 92 23.06 -11.60 6.40
CA ALA A 92 23.04 -10.41 7.23
C ALA A 92 22.81 -10.80 8.68
N LEU A 93 21.87 -11.70 8.93
CA LEU A 93 21.58 -12.15 10.29
C LEU A 93 22.77 -12.88 10.92
N GLU A 94 23.44 -13.75 10.16
CA GLU A 94 24.68 -14.42 10.61
C GLU A 94 25.76 -13.42 11.02
N LYS A 95 25.86 -12.34 10.25
CA LYS A 95 26.87 -11.32 10.45
C LYS A 95 26.50 -10.27 11.49
N GLN A 96 25.32 -10.43 12.11
CA GLN A 96 24.81 -9.51 13.13
C GLN A 96 24.68 -8.08 12.61
N ILE A 97 24.32 -7.97 11.33
CA ILE A 97 23.98 -6.69 10.72
C ILE A 97 22.46 -6.55 10.93
N PRO A 98 22.03 -5.47 11.60
CA PRO A 98 20.59 -5.26 11.82
C PRO A 98 19.84 -5.21 10.48
N VAL A 99 18.72 -5.93 10.41
CA VAL A 99 17.93 -6.02 9.18
C VAL A 99 16.65 -5.25 9.47
N LEU A 100 16.50 -4.12 8.78
CA LEU A 100 15.36 -3.22 9.00
C LEU A 100 14.57 -3.01 7.72
N THR A 101 13.33 -2.55 7.86
CA THR A 101 12.60 -2.00 6.71
C THR A 101 12.60 -0.49 6.78
N GLU A 102 12.26 0.12 5.66
CA GLU A 102 12.30 1.57 5.45
CA GLU A 102 12.42 1.57 5.61
C GLU A 102 11.38 2.32 6.43
N VAL A 103 10.33 1.67 6.92
CA VAL A 103 9.45 2.35 7.88
CA VAL A 103 9.45 2.35 7.87
C VAL A 103 10.18 2.69 9.20
N GLU A 104 11.14 1.85 9.59
CA GLU A 104 11.97 2.13 10.75
C GLU A 104 12.80 3.38 10.49
N LEU A 105 13.40 3.44 9.31
CA LEU A 105 14.17 4.62 8.93
C LEU A 105 13.31 5.89 8.97
N ALA A 106 12.10 5.80 8.42
CA ALA A 106 11.22 6.97 8.43
C ALA A 106 10.90 7.39 9.84
N TYR A 107 10.62 6.43 10.71
CA TYR A 107 10.34 6.76 12.10
C TYR A 107 11.51 7.49 12.79
N LEU A 108 12.73 7.05 12.50
CA LEU A 108 13.91 7.62 13.17
C LEU A 108 14.09 9.11 12.85
N VAL A 109 13.67 9.53 11.67
CA VAL A 109 13.88 10.92 11.26
C VAL A 109 12.63 11.78 11.45
N SER A 110 11.53 11.14 11.84
CA SER A 110 10.23 11.79 11.90
C SER A 110 10.08 12.69 13.10
N GLU A 111 9.59 13.91 12.83
CA GLU A 111 9.19 14.82 13.89
C GLU A 111 7.67 14.91 14.02
N SER A 112 6.94 14.13 13.21
CA SER A 112 5.49 14.19 13.15
C SER A 112 4.84 13.18 14.09
N GLN A 113 3.55 13.37 14.33
CA GLN A 113 2.74 12.40 15.09
C GLN A 113 2.57 11.22 14.16
N LEU A 114 2.57 10.03 14.73
CA LEU A 114 2.47 8.80 13.94
C LEU A 114 1.25 7.96 14.33
N ILE A 115 0.44 7.65 13.33
CA ILE A 115 -0.68 6.72 13.46
C ILE A 115 -0.38 5.59 12.49
N GLY A 116 -0.34 4.36 13.00
CA GLY A 116 -0.02 3.22 12.16
C GLY A 116 -1.19 2.27 12.08
N ILE A 117 -1.44 1.76 10.87
CA ILE A 117 -2.55 0.86 10.64
C ILE A 117 -2.09 -0.43 9.97
N THR A 118 -2.37 -1.55 10.61
CA THR A 118 -2.10 -2.85 10.00
C THR A 118 -3.27 -3.78 10.22
N GLY A 119 -3.15 -5.02 9.78
CA GLY A 119 -4.25 -5.98 9.91
C GLY A 119 -4.33 -6.83 8.64
N SER A 120 -5.06 -7.95 8.71
CA SER A 120 -5.12 -8.87 7.57
C SER A 120 -5.86 -8.26 6.39
N ASN A 121 -6.97 -7.58 6.65
CA ASN A 121 -7.71 -6.88 5.60
C ASN A 121 -8.40 -5.63 6.15
N GLY A 122 -8.84 -4.75 5.27
CA GLY A 122 -9.42 -3.46 5.68
C GLY A 122 -8.40 -2.34 5.91
N LYS A 123 -7.12 -2.60 5.65
CA LYS A 123 -6.07 -1.61 5.92
CA LYS A 123 -6.07 -1.61 5.93
C LYS A 123 -6.22 -0.37 5.07
N THR A 124 -6.39 -0.54 3.76
CA THR A 124 -6.38 0.63 2.92
C THR A 124 -7.60 1.53 3.18
N THR A 125 -8.77 0.95 3.31
CA THR A 125 -9.99 1.76 3.57
C THR A 125 -9.87 2.49 4.93
N THR A 126 -9.40 1.77 5.93
CA THR A 126 -9.34 2.34 7.27
C THR A 126 -8.33 3.46 7.30
N THR A 127 -7.14 3.25 6.69
CA THR A 127 -6.12 4.29 6.65
C THR A 127 -6.63 5.54 5.90
N THR A 128 -7.29 5.33 4.76
CA THR A 128 -7.82 6.43 3.98
C THR A 128 -8.91 7.19 4.75
N MSE A 129 -9.83 6.47 5.39
CA MSE A 129 -10.85 7.13 6.22
C MSE A 129 -10.23 7.95 7.32
O MSE A 129 -10.62 9.11 7.55
CB MSE A 129 -11.74 6.08 6.87
CG MSE A 129 -12.74 5.33 5.96
SE MSE A 129 -13.72 4.00 6.99
CE MSE A 129 -15.13 3.65 5.72
N ILE A 130 -9.23 7.40 8.01
CA ILE A 130 -8.55 8.16 9.08
C ILE A 130 -7.96 9.46 8.57
N ALA A 131 -7.24 9.40 7.45
CA ALA A 131 -6.64 10.64 6.95
C ALA A 131 -7.69 11.65 6.55
N GLU A 132 -8.78 11.19 5.95
CA GLU A 132 -9.85 12.13 5.54
C GLU A 132 -10.50 12.80 6.73
N VAL A 133 -10.76 12.02 7.78
CA VAL A 133 -11.39 12.58 8.99
C VAL A 133 -10.46 13.56 9.70
N LEU A 134 -9.18 13.24 9.86
CA LEU A 134 -8.26 14.20 10.48
C LEU A 134 -8.21 15.50 9.68
N ASN A 135 -8.09 15.39 8.36
CA ASN A 135 -8.02 16.59 7.54
C ASN A 135 -9.26 17.45 7.65
N ALA A 136 -10.42 16.80 7.67
CA ALA A 136 -11.69 17.50 7.76
C ALA A 136 -11.83 18.20 9.13
N GLY A 137 -11.14 17.66 10.12
CA GLY A 137 -11.17 18.20 11.49
C GLY A 137 -10.09 19.22 11.78
N GLY A 138 -9.32 19.62 10.76
CA GLY A 138 -8.32 20.68 10.92
C GLY A 138 -6.97 20.20 11.36
N GLN A 139 -6.77 18.89 11.32
CA GLN A 139 -5.47 18.36 11.53
C GLN A 139 -4.93 18.18 10.11
N ARG A 140 -3.70 17.73 10.03
CA ARG A 140 -3.03 17.59 8.76
C ARG A 140 -2.55 16.16 8.69
N GLY A 141 -3.40 15.31 8.13
CA GLY A 141 -3.08 13.89 7.96
C GLY A 141 -2.42 13.65 6.62
N LEU A 142 -1.29 12.98 6.64
CA LEU A 142 -0.56 12.66 5.43
C LEU A 142 -0.49 11.15 5.27
N LEU A 143 -1.07 10.66 4.19
CA LEU A 143 -1.02 9.24 3.88
C LEU A 143 0.40 8.83 3.59
N ALA A 144 0.79 7.68 4.16
CA ALA A 144 2.16 7.23 4.03
C ALA A 144 2.24 5.72 4.15
N GLY A 145 3.38 5.17 3.75
CA GLY A 145 3.60 3.73 3.87
C GLY A 145 3.17 3.04 2.61
N ASN A 146 2.23 2.12 2.74
CA ASN A 146 1.80 1.33 1.57
C ASN A 146 0.71 1.96 0.75
N ILE A 147 0.22 3.12 1.18
CA ILE A 147 -0.54 4.03 0.33
C ILE A 147 0.00 5.44 0.52
N GLY A 148 -0.43 6.34 -0.36
CA GLY A 148 0.08 7.68 -0.33
C GLY A 148 1.39 7.75 -1.07
N PHE A 149 2.47 7.79 -0.29
CA PHE A 149 3.84 7.70 -0.75
C PHE A 149 4.61 6.87 0.28
N PRO A 150 5.73 6.24 -0.13
CA PRO A 150 6.53 5.51 0.87
C PRO A 150 6.88 6.40 2.06
N ALA A 151 6.97 5.80 3.22
CA ALA A 151 7.16 6.57 4.45
C ALA A 151 8.42 7.46 4.40
N SER A 152 9.51 6.92 3.85
CA SER A 152 10.79 7.64 3.83
CA SER A 152 10.80 7.63 3.82
C SER A 152 10.76 8.82 2.86
N GLU A 153 9.78 8.83 1.97
CA GLU A 153 9.52 10.00 1.13
C GLU A 153 8.68 11.05 1.88
N VAL A 154 7.61 10.61 2.55
CA VAL A 154 6.68 11.53 3.21
C VAL A 154 7.33 12.32 4.36
N VAL A 155 8.19 11.65 5.13
CA VAL A 155 8.71 12.24 6.36
CA VAL A 155 8.75 12.24 6.36
C VAL A 155 9.58 13.49 6.10
N GLN A 156 10.12 13.58 4.90
CA GLN A 156 10.94 14.71 4.45
C GLN A 156 10.14 15.99 4.23
N ALA A 157 8.85 15.84 3.93
CA ALA A 157 7.99 17.00 3.71
C ALA A 157 7.24 17.35 5.01
N ALA A 158 7.13 16.37 5.90
CA ALA A 158 6.28 16.49 7.07
C ALA A 158 7.00 17.14 8.23
N ASN A 159 6.26 17.87 9.06
CA ASN A 159 6.81 18.48 10.26
C ASN A 159 5.99 18.16 11.52
N ASP A 160 6.28 18.85 12.63
CA ASP A 160 5.64 18.53 13.92
C ASP A 160 4.15 18.84 14.00
N LYS A 161 3.62 19.57 13.01
CA LYS A 161 2.20 19.89 12.96
C LYS A 161 1.43 18.82 12.17
N ASP A 162 2.16 17.93 11.51
CA ASP A 162 1.55 16.93 10.63
C ASP A 162 1.40 15.61 11.39
N THR A 163 0.42 14.84 10.94
CA THR A 163 0.23 13.46 11.40
C THR A 163 0.42 12.52 10.22
N LEU A 164 1.36 11.58 10.36
CA LEU A 164 1.53 10.53 9.35
C LEU A 164 0.50 9.47 9.61
N VAL A 165 -0.25 9.11 8.57
CA VAL A 165 -1.29 8.08 8.69
C VAL A 165 -0.80 6.96 7.79
N MSE A 166 -0.21 5.95 8.43
CA MSE A 166 0.70 5.04 7.74
C MSE A 166 0.10 3.65 7.64
O MSE A 166 -0.15 3.01 8.69
CB MSE A 166 2.06 5.02 8.43
CG MSE A 166 3.13 4.26 7.66
SE MSE A 166 4.86 4.40 8.56
CE MSE A 166 5.12 6.28 8.50
N GLU A 167 -0.13 3.18 6.41
CA GLU A 167 -0.55 1.80 6.20
C GLU A 167 0.70 0.92 6.22
N LEU A 168 0.63 -0.11 7.05
CA LEU A 168 1.77 -1.01 7.34
C LEU A 168 1.44 -2.45 7.12
N SER A 169 2.37 -3.18 6.53
CA SER A 169 2.21 -4.63 6.33
C SER A 169 2.95 -5.43 7.41
N SER A 170 2.55 -6.68 7.57
CA SER A 170 3.26 -7.63 8.43
C SER A 170 4.73 -7.77 7.99
N PHE A 171 4.95 -7.66 6.68
CA PHE A 171 6.30 -7.76 6.14
C PHE A 171 7.17 -6.58 6.62
N GLN A 172 6.61 -5.38 6.59
CA GLN A 172 7.34 -4.22 7.11
C GLN A 172 7.59 -4.35 8.61
N LEU A 173 6.62 -4.89 9.34
CA LEU A 173 6.72 -4.95 10.79
C LEU A 173 7.68 -6.03 11.28
N MSE A 174 8.15 -6.89 10.37
CA MSE A 174 9.26 -7.81 10.66
C MSE A 174 10.55 -7.04 10.91
O MSE A 174 11.49 -7.61 11.51
CB MSE A 174 9.50 -8.72 9.46
CG MSE A 174 8.42 -9.77 9.24
SE MSE A 174 8.43 -11.19 10.53
CE MSE A 174 10.06 -12.16 9.91
N GLY A 175 10.63 -5.81 10.41
CA GLY A 175 11.88 -5.07 10.40
C GLY A 175 11.88 -3.76 11.15
N VAL A 176 11.18 -3.70 12.27
CA VAL A 176 11.20 -2.47 13.10
C VAL A 176 11.92 -2.73 14.42
N LYS A 177 12.37 -1.65 15.06
CA LYS A 177 13.07 -1.76 16.35
C LYS A 177 12.59 -0.65 17.24
N GLU A 178 12.82 0.61 16.84
CA GLU A 178 12.38 1.75 17.64
C GLU A 178 10.98 2.27 17.29
N PHE A 179 10.51 1.92 16.09
CA PHE A 179 9.19 2.32 15.57
C PHE A 179 8.12 2.37 16.65
N ARG A 180 7.54 3.55 16.86
CA ARG A 180 6.57 3.75 17.93
C ARG A 180 5.45 4.68 17.49
N PRO A 181 4.32 4.14 17.03
CA PRO A 181 3.14 4.98 16.84
C PRO A 181 2.57 5.49 18.16
N HIS A 182 1.96 6.67 18.13
CA HIS A 182 1.19 7.10 19.26
C HIS A 182 -0.18 6.44 19.26
N ILE A 183 -0.74 6.21 18.07
CA ILE A 183 -1.97 5.45 17.96
C ILE A 183 -1.71 4.38 16.90
N ALA A 184 -2.08 3.14 17.19
CA ALA A 184 -1.96 2.03 16.23
C ALA A 184 -3.25 1.28 16.15
N VAL A 185 -3.51 0.74 14.97
CA VAL A 185 -4.72 -0.05 14.71
C VAL A 185 -4.33 -1.39 14.13
N ILE A 186 -4.92 -2.47 14.66
CA ILE A 186 -4.91 -3.79 14.00
C ILE A 186 -6.34 -4.08 13.61
N THR A 187 -6.63 -4.07 12.31
CA THR A 187 -8.02 -4.16 11.87
C THR A 187 -8.63 -5.51 12.18
N ASN A 188 -7.82 -6.55 12.01
CA ASN A 188 -8.22 -7.93 12.26
C ASN A 188 -7.02 -8.83 12.00
N LEU A 189 -7.17 -10.08 12.39
CA LEU A 189 -6.11 -11.08 12.23
C LEU A 189 -6.72 -12.40 11.80
N MSE A 190 -6.37 -12.81 10.60
CA MSE A 190 -6.81 -14.11 10.10
C MSE A 190 -5.76 -14.64 9.15
O MSE A 190 -4.92 -13.89 8.69
CB MSE A 190 -8.23 -14.04 9.53
CG MSE A 190 -8.39 -13.14 8.38
SE MSE A 190 -10.30 -12.70 8.14
CE MSE A 190 -10.46 -11.43 9.60
N PRO A 191 -5.77 -15.96 8.87
CA PRO A 191 -4.58 -16.54 8.21
C PRO A 191 -4.37 -15.95 6.83
N THR A 192 -3.22 -15.31 6.64
CA THR A 192 -2.91 -14.53 5.45
C THR A 192 -1.38 -14.57 5.38
N HIS A 193 -0.81 -14.70 4.18
CA HIS A 193 0.65 -14.56 3.99
C HIS A 193 1.44 -15.65 4.72
N LEU A 194 0.83 -16.82 4.90
CA LEU A 194 1.53 -17.88 5.63
C LEU A 194 2.65 -18.51 4.79
N ASP A 195 2.56 -18.38 3.46
CA ASP A 195 3.69 -18.67 2.58
C ASP A 195 4.98 -17.98 3.03
N TYR A 196 4.88 -16.71 3.43
CA TYR A 196 6.03 -15.90 3.85
C TYR A 196 6.37 -16.15 5.31
N HIS A 197 5.37 -16.22 6.19
CA HIS A 197 5.63 -16.23 7.63
C HIS A 197 5.78 -17.60 8.28
N GLY A 198 5.26 -18.63 7.62
CA GLY A 198 5.26 -19.97 8.18
C GLY A 198 3.95 -20.17 8.89
N SER A 199 3.94 -19.97 10.20
CA SER A 199 2.73 -20.25 10.98
C SER A 199 1.92 -18.99 11.17
N PHE A 200 0.64 -19.18 11.52
CA PHE A 200 -0.24 -18.08 11.88
C PHE A 200 0.35 -17.34 13.08
N GLU A 201 0.92 -18.08 14.02
CA GLU A 201 1.49 -17.45 15.23
C GLU A 201 2.64 -16.51 14.87
N ASP A 202 3.48 -16.90 13.92
CA ASP A 202 4.59 -16.06 13.48
C ASP A 202 4.09 -14.82 12.74
N TYR A 203 3.02 -14.97 11.96
CA TYR A 203 2.40 -13.86 11.23
C TYR A 203 1.82 -12.83 12.23
N VAL A 204 1.11 -13.32 13.23
CA VAL A 204 0.57 -12.44 14.28
C VAL A 204 1.72 -11.75 15.01
N ALA A 205 2.78 -12.50 15.34
CA ALA A 205 3.92 -11.91 16.04
C ALA A 205 4.57 -10.77 15.24
N ALA A 206 4.59 -10.91 13.92
CA ALA A 206 5.16 -9.90 13.03
C ALA A 206 4.36 -8.57 13.20
N LYS A 207 3.04 -8.66 13.06
CA LYS A 207 2.21 -7.45 13.21
C LYS A 207 2.31 -6.91 14.63
N TRP A 208 2.44 -7.78 15.62
CA TRP A 208 2.44 -7.35 17.02
C TRP A 208 3.66 -6.46 17.34
N ASN A 209 4.71 -6.56 16.53
CA ASN A 209 5.83 -5.64 16.69
C ASN A 209 5.41 -4.16 16.63
N ILE A 210 4.27 -3.86 16.02
CA ILE A 210 3.76 -2.48 15.97
C ILE A 210 3.68 -1.83 17.35
N GLN A 211 3.42 -2.63 18.39
CA GLN A 211 3.24 -2.07 19.75
C GLN A 211 4.46 -2.22 20.68
N ASN A 212 5.59 -2.70 20.16
CA ASN A 212 6.71 -3.07 21.06
C ASN A 212 7.22 -1.91 21.89
N GLN A 213 7.15 -0.69 21.33
CA GLN A 213 7.69 0.49 22.01
C GLN A 213 6.61 1.38 22.57
N MSE A 214 5.35 0.99 22.41
CA MSE A 214 4.22 1.75 22.87
C MSE A 214 4.08 1.68 24.39
O MSE A 214 4.22 0.59 24.99
CB MSE A 214 2.95 1.30 22.15
CG MSE A 214 3.01 1.77 20.68
SE MSE A 214 1.49 1.13 19.62
CE MSE A 214 0.21 2.45 20.27
N SER A 215 3.83 2.85 25.00
CA SER A 215 3.61 2.87 26.44
C SER A 215 2.12 3.03 26.76
N SER A 216 1.78 3.05 28.04
CA SER A 216 0.40 3.24 28.44
C SER A 216 -0.16 4.61 28.02
N SER A 217 0.71 5.53 27.65
CA SER A 217 0.28 6.83 27.16
C SER A 217 -0.10 6.79 25.68
N ASP A 218 0.20 5.66 25.04
CA ASP A 218 -0.13 5.43 23.61
C ASP A 218 -1.34 4.51 23.53
N PHE A 219 -1.97 4.46 22.36
CA PHE A 219 -3.27 3.83 22.23
C PHE A 219 -3.28 2.78 21.13
N LEU A 220 -3.73 1.59 21.49
CA LEU A 220 -3.80 0.47 20.54
C LEU A 220 -5.24 0.07 20.32
N VAL A 221 -5.69 0.23 19.07
CA VAL A 221 -7.05 -0.04 18.66
C VAL A 221 -7.12 -1.46 18.10
N LEU A 222 -7.88 -2.32 18.79
CA LEU A 222 -8.04 -3.73 18.46
C LEU A 222 -9.49 -4.14 18.19
N ASN A 223 -9.62 -5.18 17.36
CA ASN A 223 -10.91 -5.70 16.98
C ASN A 223 -11.44 -6.75 17.99
N PHE A 224 -12.33 -6.30 18.87
CA PHE A 224 -12.84 -7.18 19.92
C PHE A 224 -13.93 -8.12 19.45
N ASN A 225 -14.24 -8.12 18.16
CA ASN A 225 -15.04 -9.23 17.64
C ASN A 225 -14.26 -10.52 17.71
N GLN A 226 -12.93 -10.43 17.67
CA GLN A 226 -12.08 -11.63 17.65
C GLN A 226 -11.49 -11.95 19.01
N GLY A 227 -11.61 -13.21 19.44
CA GLY A 227 -11.08 -13.59 20.74
C GLY A 227 -9.58 -13.36 20.86
N ILE A 228 -8.86 -13.51 19.76
CA ILE A 228 -7.39 -13.36 19.78
C ILE A 228 -6.99 -11.94 20.27
N SER A 229 -7.81 -10.95 19.94
CA SER A 229 -7.51 -9.56 20.31
C SER A 229 -7.53 -9.39 21.82
N LYS A 230 -8.49 -10.03 22.49
CA LYS A 230 -8.58 -9.94 23.93
C LYS A 230 -7.39 -10.62 24.61
N GLU A 231 -6.86 -11.67 23.99
CA GLU A 231 -5.69 -12.36 24.51
C GLU A 231 -4.46 -11.50 24.32
N LEU A 232 -4.30 -10.93 23.12
CA LEU A 232 -3.17 -10.09 22.83
C LEU A 232 -3.19 -8.84 23.73
N ALA A 233 -4.38 -8.31 23.99
CA ALA A 233 -4.53 -7.08 24.79
C ALA A 233 -3.86 -7.22 26.16
N LYS A 234 -3.82 -8.45 26.69
CA LYS A 234 -3.23 -8.70 28.02
C LYS A 234 -1.69 -8.53 28.03
N THR A 235 -1.07 -8.49 26.85
CA THR A 235 0.38 -8.55 26.72
C THR A 235 1.05 -7.26 26.30
N THR A 236 0.26 -6.21 26.07
CA THR A 236 0.81 -4.91 25.66
C THR A 236 0.86 -3.94 26.83
N LYS A 237 1.75 -2.96 26.73
CA LYS A 237 1.72 -1.84 27.66
C LYS A 237 0.80 -0.74 27.18
N ALA A 238 0.43 -0.76 25.89
CA ALA A 238 -0.41 0.32 25.37
C ALA A 238 -1.78 0.33 26.03
N THR A 239 -2.42 1.51 26.08
CA THR A 239 -3.82 1.54 26.50
C THR A 239 -4.68 0.99 25.37
N ILE A 240 -5.52 0.00 25.67
CA ILE A 240 -6.37 -0.65 24.67
C ILE A 240 -7.63 0.17 24.44
N VAL A 241 -7.93 0.41 23.16
CA VAL A 241 -9.16 1.09 22.76
C VAL A 241 -9.83 0.19 21.73
N PRO A 242 -10.71 -0.71 22.20
CA PRO A 242 -11.31 -1.74 21.35
C PRO A 242 -12.40 -1.15 20.46
N PHE A 243 -12.69 -1.87 19.38
CA PHE A 243 -13.96 -1.72 18.66
C PHE A 243 -14.65 -3.05 18.53
N SER A 244 -15.99 -3.01 18.38
CA SER A 244 -16.79 -4.23 18.32
C SER A 244 -18.06 -3.95 17.56
N THR A 245 -18.57 -5.00 16.93
CA THR A 245 -19.95 -5.03 16.39
C THR A 245 -20.73 -6.15 17.07
N THR A 246 -20.19 -6.67 18.18
CA THR A 246 -20.80 -7.79 18.91
C THR A 246 -21.44 -7.34 20.22
N GLU A 247 -20.81 -6.41 20.92
CA GLU A 247 -21.26 -5.97 22.24
C GLU A 247 -20.71 -4.56 22.48
N LYS A 248 -21.14 -3.92 23.57
CA LYS A 248 -20.61 -2.63 23.96
C LYS A 248 -19.21 -2.88 24.53
N VAL A 249 -18.24 -2.06 24.15
CA VAL A 249 -16.89 -2.11 24.68
C VAL A 249 -16.45 -0.70 25.07
N ASP A 250 -15.30 -0.60 25.73
CA ASP A 250 -14.76 0.67 26.21
C ASP A 250 -14.01 1.34 25.06
N GLY A 251 -14.77 1.70 24.04
CA GLY A 251 -14.18 2.17 22.78
C GLY A 251 -15.31 2.38 21.77
N ALA A 252 -15.14 1.90 20.55
CA ALA A 252 -16.14 2.12 19.48
C ALA A 252 -17.01 0.89 19.29
N TYR A 253 -18.32 1.10 19.25
CA TYR A 253 -19.22 -0.06 19.17
C TYR A 253 -20.55 0.32 18.50
N VAL A 254 -21.25 -0.72 18.08
CA VAL A 254 -22.62 -0.59 17.58
C VAL A 254 -23.64 -0.71 18.73
N GLN A 255 -24.59 0.21 18.75
CA GLN A 255 -25.71 0.18 19.70
C GLN A 255 -26.96 0.76 19.00
N ASP A 256 -28.04 -0.01 19.00
CA ASP A 256 -29.33 0.43 18.44
C ASP A 256 -29.17 1.02 17.03
N LYS A 257 -28.41 0.29 16.20
CA LYS A 257 -28.14 0.64 14.79
C LYS A 257 -27.34 1.96 14.62
N GLN A 258 -26.68 2.40 15.70
CA GLN A 258 -25.83 3.59 15.66
C GLN A 258 -24.40 3.19 16.02
N LEU A 259 -23.46 4.02 15.60
CA LEU A 259 -22.06 3.88 15.99
C LEU A 259 -21.79 4.83 17.12
N PHE A 260 -21.20 4.31 18.20
CA PHE A 260 -20.94 5.05 19.42
C PHE A 260 -19.44 5.02 19.72
N TYR A 261 -18.98 6.00 20.46
CA TYR A 261 -17.66 5.95 21.06
C TYR A 261 -17.81 6.31 22.52
N LYS A 262 -17.56 5.33 23.38
CA LYS A 262 -17.59 5.55 24.86
C LYS A 262 -18.80 6.36 25.29
N GLY A 263 -19.97 5.91 24.86
CA GLY A 263 -21.26 6.56 25.24
C GLY A 263 -21.68 7.78 24.44
N GLU A 264 -20.83 8.29 23.55
CA GLU A 264 -21.26 9.33 22.60
C GLU A 264 -21.79 8.74 21.31
N ASN A 265 -23.00 9.14 20.93
CA ASN A 265 -23.62 8.68 19.69
C ASN A 265 -23.01 9.47 18.51
N ILE A 266 -22.35 8.77 17.59
CA ILE A 266 -21.66 9.44 16.50
C ILE A 266 -22.51 9.54 15.21
N MSE A 267 -23.03 8.40 14.76
CA MSE A 267 -23.72 8.33 13.46
C MSE A 267 -24.49 7.01 13.32
O MSE A 267 -24.28 6.08 14.11
CB MSE A 267 -22.72 8.48 12.30
CG MSE A 267 -21.75 7.31 12.21
SE MSE A 267 -20.40 7.56 10.84
CE MSE A 267 -21.58 7.52 9.27
N SER A 268 -25.36 6.93 12.32
CA SER A 268 -26.05 5.68 12.05
C SER A 268 -25.21 4.72 11.22
N VAL A 269 -25.37 3.44 11.50
CA VAL A 269 -24.74 2.39 10.69
C VAL A 269 -25.09 2.56 9.21
N ASP A 270 -26.36 2.76 8.91
CA ASP A 270 -26.76 2.83 7.50
C ASP A 270 -26.38 4.12 6.77
N ASP A 271 -25.75 5.07 7.46
CA ASP A 271 -25.29 6.31 6.84
C ASP A 271 -23.83 6.31 6.41
N ILE A 272 -23.09 5.25 6.74
CA ILE A 272 -21.71 5.13 6.24
C ILE A 272 -21.78 5.20 4.70
N GLY A 273 -20.85 5.96 4.12
CA GLY A 273 -20.83 6.19 2.67
C GLY A 273 -20.58 5.00 1.79
N VAL A 274 -19.99 3.94 2.35
CA VAL A 274 -19.76 2.70 1.63
C VAL A 274 -20.41 1.52 2.39
N PRO A 275 -20.90 0.50 1.67
CA PRO A 275 -21.76 -0.50 2.30
C PRO A 275 -21.02 -1.68 2.90
N GLY A 276 -21.76 -2.48 3.66
CA GLY A 276 -21.25 -3.77 4.11
C GLY A 276 -20.65 -3.72 5.51
N SER A 277 -20.68 -4.86 6.18
CA SER A 277 -20.18 -4.94 7.55
C SER A 277 -18.67 -4.71 7.63
N HIS A 278 -17.92 -5.10 6.61
CA HIS A 278 -16.49 -4.82 6.63
C HIS A 278 -16.26 -3.30 6.76
N ASN A 279 -17.09 -2.52 6.06
CA ASN A 279 -16.98 -1.08 6.15
C ASN A 279 -17.50 -0.47 7.47
N VAL A 280 -18.44 -1.18 8.12
CA VAL A 280 -18.85 -0.78 9.46
C VAL A 280 -17.63 -0.92 10.40
N GLU A 281 -16.92 -2.03 10.28
CA GLU A 281 -15.71 -2.25 11.11
C GLU A 281 -14.60 -1.24 10.80
N ASN A 282 -14.43 -0.89 9.53
CA ASN A 282 -13.45 0.14 9.16
C ASN A 282 -13.86 1.49 9.72
N ALA A 283 -15.16 1.79 9.68
CA ALA A 283 -15.64 3.06 10.26
C ALA A 283 -15.49 3.06 11.79
N LEU A 284 -15.72 1.92 12.45
CA LEU A 284 -15.54 1.88 13.91
C LEU A 284 -14.08 2.09 14.31
N ALA A 285 -13.17 1.43 13.61
CA ALA A 285 -11.75 1.67 13.88
C ALA A 285 -11.39 3.13 13.65
N THR A 286 -11.92 3.70 12.56
CA THR A 286 -11.69 5.10 12.26
C THR A 286 -12.25 6.02 13.36
N ILE A 287 -13.47 5.71 13.83
CA ILE A 287 -14.07 6.52 14.91
C ILE A 287 -13.18 6.48 16.16
N ALA A 288 -12.69 5.30 16.54
CA ALA A 288 -11.78 5.22 17.70
C ALA A 288 -10.55 6.11 17.50
N VAL A 289 -9.86 5.99 16.35
CA VAL A 289 -8.68 6.80 16.13
C VAL A 289 -9.02 8.30 16.11
N ALA A 290 -10.09 8.67 15.41
CA ALA A 290 -10.48 10.07 15.28
C ALA A 290 -10.83 10.67 16.64
N LYS A 291 -11.53 9.92 17.46
CA LYS A 291 -11.89 10.39 18.82
C LYS A 291 -10.65 10.50 19.71
N LEU A 292 -9.71 9.57 19.57
CA LEU A 292 -8.43 9.71 20.29
C LEU A 292 -7.63 10.92 19.86
N ALA A 293 -7.74 11.28 18.57
CA ALA A 293 -7.02 12.45 18.04
C ALA A 293 -7.82 13.71 18.35
N GLY A 294 -9.05 13.54 18.82
CA GLY A 294 -9.86 14.69 19.28
C GLY A 294 -10.74 15.31 18.22
N ILE A 295 -10.91 14.64 17.07
CA ILE A 295 -11.85 15.17 16.04
C ILE A 295 -13.29 15.24 16.56
N SER A 296 -14.03 16.28 16.19
CA SER A 296 -15.41 16.37 16.68
C SER A 296 -16.36 15.38 16.07
N ASN A 297 -17.41 15.06 16.81
CA ASN A 297 -18.40 14.10 16.35
C ASN A 297 -19.01 14.50 15.02
N GLN A 298 -19.34 15.79 14.87
CA GLN A 298 -20.03 16.21 13.66
C GLN A 298 -19.13 16.05 12.42
N VAL A 299 -17.83 16.27 12.61
CA VAL A 299 -16.86 16.14 11.51
C VAL A 299 -16.67 14.66 11.16
N ILE A 300 -16.59 13.82 12.19
CA ILE A 300 -16.50 12.37 11.95
C ILE A 300 -17.71 11.88 11.18
N ARG A 301 -18.90 12.24 11.63
CA ARG A 301 -20.12 11.81 10.97
C ARG A 301 -20.20 12.28 9.51
N GLU A 302 -19.94 13.57 9.27
CA GLU A 302 -20.05 14.12 7.93
C GLU A 302 -19.07 13.43 6.99
N THR A 303 -17.85 13.23 7.49
CA THR A 303 -16.79 12.67 6.65
C THR A 303 -17.11 11.22 6.30
N LEU A 304 -17.48 10.42 7.30
CA LEU A 304 -17.76 9.02 7.02
C LEU A 304 -19.06 8.81 6.25
N SER A 305 -20.02 9.75 6.40
CA SER A 305 -21.26 9.66 5.65
CA SER A 305 -21.26 9.61 5.65
C SER A 305 -21.04 9.88 4.16
N ASN A 306 -20.03 10.69 3.84
CA ASN A 306 -19.76 11.05 2.43
C ASN A 306 -18.61 10.26 1.83
N PHE A 307 -18.01 9.38 2.63
CA PHE A 307 -16.84 8.64 2.15
C PHE A 307 -17.23 7.78 0.97
N GLY A 308 -16.52 7.89 -0.14
CA GLY A 308 -16.95 7.18 -1.36
C GLY A 308 -16.10 6.01 -1.81
N GLY A 309 -14.95 5.84 -1.17
CA GLY A 309 -14.03 4.77 -1.57
C GLY A 309 -12.61 5.29 -1.62
N VAL A 310 -11.71 4.48 -2.16
CA VAL A 310 -10.30 4.84 -2.18
C VAL A 310 -9.75 5.01 -3.60
N LYS A 311 -8.84 5.97 -3.75
CA LYS A 311 -8.18 6.21 -5.05
C LYS A 311 -7.46 4.94 -5.49
N HIS A 312 -7.49 4.67 -6.80
CA HIS A 312 -6.66 3.64 -7.45
C HIS A 312 -7.11 2.21 -7.23
N ARG A 313 -8.17 2.02 -6.44
CA ARG A 313 -8.66 0.66 -6.18
C ARG A 313 -10.09 0.52 -6.71
N LEU A 314 -10.22 -0.06 -7.89
CA LEU A 314 -11.50 -0.17 -8.60
C LEU A 314 -12.25 1.15 -8.47
N GLN A 315 -11.52 2.23 -8.72
CA GLN A 315 -12.03 3.58 -8.56
C GLN A 315 -12.87 3.99 -9.76
N SER A 316 -14.18 4.12 -9.56
CA SER A 316 -15.10 4.57 -10.62
C SER A 316 -14.98 6.09 -10.86
N LEU A 317 -14.55 6.48 -12.06
CA LEU A 317 -14.33 7.91 -12.33
C LEU A 317 -15.55 8.60 -12.92
N GLY A 318 -16.42 7.83 -13.53
CA GLY A 318 -17.52 8.40 -14.32
C GLY A 318 -17.43 8.02 -15.77
N LYS A 319 -18.24 8.70 -16.58
CA LYS A 319 -18.43 8.34 -17.98
CA LYS A 319 -18.43 8.34 -17.98
C LYS A 319 -18.04 9.46 -18.93
N VAL A 320 -17.58 9.07 -20.11
CA VAL A 320 -17.45 9.98 -21.24
C VAL A 320 -18.22 9.31 -22.38
N HIS A 321 -19.25 9.99 -22.89
CA HIS A 321 -20.12 9.43 -23.93
C HIS A 321 -20.56 8.00 -23.66
N GLY A 322 -20.99 7.79 -22.42
CA GLY A 322 -21.57 6.51 -22.02
C GLY A 322 -20.58 5.40 -21.73
N ILE A 323 -19.29 5.72 -21.79
CA ILE A 323 -18.22 4.76 -21.50
C ILE A 323 -17.67 5.01 -20.10
N SER A 324 -17.69 3.98 -19.25
CA SER A 324 -17.30 4.12 -17.85
C SER A 324 -15.80 3.85 -17.70
N PHE A 325 -15.14 4.64 -16.85
CA PHE A 325 -13.70 4.49 -16.60
C PHE A 325 -13.45 4.08 -15.16
N TYR A 326 -12.62 3.04 -15.01
CA TYR A 326 -12.23 2.53 -13.70
C TYR A 326 -10.72 2.49 -13.56
N ASN A 327 -10.23 3.18 -12.53
CA ASN A 327 -8.83 3.19 -12.17
C ASN A 327 -8.55 2.16 -11.10
N ASP A 328 -7.93 1.04 -11.50
CA ASP A 328 -7.56 -0.01 -10.55
C ASP A 328 -6.02 -0.18 -10.60
N SER A 329 -5.31 0.95 -10.64
CA SER A 329 -3.84 0.95 -10.67
C SER A 329 -3.23 0.20 -9.45
N LYS A 330 -3.96 0.13 -8.35
CA LYS A 330 -3.48 -0.64 -7.18
C LYS A 330 -3.24 -2.13 -7.46
N SER A 331 -3.88 -2.68 -8.49
CA SER A 331 -3.69 -4.08 -8.85
CA SER A 331 -3.70 -4.08 -8.89
C SER A 331 -2.35 -4.31 -9.56
N THR A 332 -1.40 -4.88 -8.83
CA THR A 332 -0.04 -5.01 -9.31
C THR A 332 0.42 -6.46 -9.51
N ASN A 333 -0.55 -7.37 -9.43
CA ASN A 333 -0.32 -8.80 -9.67
C ASN A 333 -1.54 -9.46 -10.26
N ILE A 334 -1.36 -10.71 -10.69
CA ILE A 334 -2.40 -11.44 -11.41
C ILE A 334 -3.63 -11.64 -10.53
N LEU A 335 -3.42 -12.01 -9.27
CA LEU A 335 -4.54 -12.22 -8.35
C LEU A 335 -5.43 -10.97 -8.19
N ALA A 336 -4.82 -9.79 -8.04
CA ALA A 336 -5.63 -8.58 -7.90
C ALA A 336 -6.47 -8.29 -9.16
N THR A 337 -5.89 -8.53 -10.33
CA THR A 337 -6.59 -8.29 -11.59
C THR A 337 -7.70 -9.32 -11.83
N GLN A 338 -7.44 -10.58 -11.45
CA GLN A 338 -8.49 -11.59 -11.47
C GLN A 338 -9.71 -11.13 -10.67
N LYS A 339 -9.46 -10.63 -9.46
CA LYS A 339 -10.52 -10.13 -8.60
C LYS A 339 -11.25 -8.94 -9.19
N ALA A 340 -10.49 -7.96 -9.70
CA ALA A 340 -11.09 -6.77 -10.30
C ALA A 340 -12.01 -7.12 -11.48
N LEU A 341 -11.61 -8.08 -12.31
CA LEU A 341 -12.41 -8.47 -13.46
C LEU A 341 -13.66 -9.26 -13.08
N SER A 342 -13.67 -9.82 -11.86
CA SER A 342 -14.77 -10.72 -11.45
C SER A 342 -16.14 -10.05 -11.41
N GLY A 343 -16.16 -8.74 -11.12
CA GLY A 343 -17.41 -7.99 -11.05
C GLY A 343 -17.94 -7.47 -12.37
N PHE A 344 -17.17 -7.62 -13.45
CA PHE A 344 -17.58 -7.06 -14.75
C PHE A 344 -18.02 -8.10 -15.75
N ASP A 345 -18.98 -7.72 -16.60
CA ASP A 345 -19.25 -8.47 -17.81
C ASP A 345 -18.10 -8.18 -18.79
N ASN A 346 -17.21 -9.16 -18.98
CA ASN A 346 -16.01 -9.00 -19.82
C ASN A 346 -16.32 -8.52 -21.24
N THR A 347 -17.49 -8.87 -21.77
CA THR A 347 -17.83 -8.44 -23.12
C THR A 347 -17.94 -6.91 -23.23
N LYS A 348 -18.06 -6.22 -22.10
CA LYS A 348 -18.14 -4.75 -22.07
C LYS A 348 -16.80 -4.09 -21.80
N VAL A 349 -15.79 -4.89 -21.46
CA VAL A 349 -14.56 -4.35 -20.86
C VAL A 349 -13.39 -4.28 -21.84
N ILE A 350 -12.73 -3.12 -21.88
CA ILE A 350 -11.43 -2.98 -22.50
C ILE A 350 -10.44 -2.82 -21.36
N LEU A 351 -9.56 -3.81 -21.22
CA LEU A 351 -8.61 -3.85 -20.11
C LEU A 351 -7.27 -3.29 -20.55
N ILE A 352 -6.70 -2.40 -19.73
CA ILE A 352 -5.33 -1.91 -19.91
C ILE A 352 -4.44 -2.63 -18.92
N ALA A 353 -3.41 -3.30 -19.42
CA ALA A 353 -2.56 -4.08 -18.55
C ALA A 353 -1.10 -4.09 -19.04
N GLY A 354 -0.19 -4.58 -18.18
CA GLY A 354 1.26 -4.59 -18.45
C GLY A 354 1.98 -3.72 -17.44
N GLY A 355 3.29 -3.94 -17.30
CA GLY A 355 4.10 -3.11 -16.39
C GLY A 355 5.49 -3.71 -16.22
N LEU A 356 6.06 -3.53 -15.05
CA LEU A 356 7.37 -4.07 -14.72
C LEU A 356 7.39 -5.58 -14.91
N ASP A 357 8.42 -6.06 -15.60
CA ASP A 357 8.51 -7.50 -15.90
C ASP A 357 9.30 -8.25 -14.84
N ARG A 358 8.59 -8.99 -14.02
CA ARG A 358 9.24 -9.76 -12.97
C ARG A 358 9.67 -11.11 -13.53
N GLY A 359 9.25 -11.39 -14.77
CA GLY A 359 9.73 -12.57 -15.49
C GLY A 359 8.70 -13.68 -15.62
N ASN A 360 7.55 -13.52 -14.98
CA ASN A 360 6.48 -14.51 -15.03
C ASN A 360 5.61 -14.39 -16.27
N GLU A 361 5.17 -15.51 -16.83
CA GLU A 361 4.15 -15.49 -17.86
C GLU A 361 2.76 -15.24 -17.23
N PHE A 362 1.73 -15.14 -18.07
CA PHE A 362 0.40 -14.73 -17.58
C PHE A 362 -0.69 -15.76 -17.84
N ASP A 363 -0.28 -17.02 -17.91
CA ASP A 363 -1.22 -18.09 -18.25
C ASP A 363 -2.33 -18.23 -17.22
N GLU A 364 -2.01 -17.94 -15.94
CA GLU A 364 -3.01 -17.96 -14.86
C GLU A 364 -4.19 -17.02 -15.10
N LEU A 365 -3.94 -15.95 -15.86
CA LEU A 365 -4.94 -14.92 -16.13
C LEU A 365 -5.92 -15.36 -17.23
N ILE A 366 -5.55 -16.39 -18.00
CA ILE A 366 -6.31 -16.77 -19.18
C ILE A 366 -7.84 -16.96 -18.94
N PRO A 367 -8.24 -17.74 -17.91
CA PRO A 367 -9.69 -17.90 -17.74
C PRO A 367 -10.42 -16.58 -17.46
N ASP A 368 -9.77 -15.69 -16.71
CA ASP A 368 -10.39 -14.44 -16.27
C ASP A 368 -10.47 -13.37 -17.35
N ILE A 369 -9.59 -13.44 -18.35
CA ILE A 369 -9.60 -12.46 -19.45
C ILE A 369 -10.39 -12.96 -20.67
N THR A 370 -10.77 -14.23 -20.67
CA THR A 370 -11.56 -14.78 -21.78
C THR A 370 -12.88 -14.00 -21.88
N GLY A 371 -13.21 -13.60 -23.11
CA GLY A 371 -14.43 -12.84 -23.36
C GLY A 371 -14.26 -11.33 -23.37
N LEU A 372 -13.06 -10.86 -23.02
CA LEU A 372 -12.84 -9.40 -23.02
C LEU A 372 -13.06 -8.80 -24.40
N LYS A 373 -13.60 -7.58 -24.42
CA LYS A 373 -13.78 -6.90 -25.70
C LYS A 373 -12.44 -6.66 -26.37
N HIS A 374 -11.47 -6.19 -25.58
CA HIS A 374 -10.16 -5.83 -26.10
C HIS A 374 -9.20 -5.62 -24.93
N MSE A 375 -7.92 -5.82 -25.21
CA MSE A 375 -6.84 -5.48 -24.27
CA MSE A 375 -6.87 -5.47 -24.26
C MSE A 375 -5.85 -4.52 -24.87
O MSE A 375 -5.35 -4.71 -25.99
CB MSE A 375 -6.13 -6.75 -23.80
CB MSE A 375 -6.16 -6.70 -23.70
CG MSE A 375 -6.82 -7.38 -22.64
CG MSE A 375 -5.33 -6.36 -22.49
SE MSE A 375 -6.20 -9.17 -22.28
SE MSE A 375 -4.54 -7.91 -21.70
CE MSE A 375 -4.31 -8.81 -22.03
CE MSE A 375 -6.15 -8.95 -21.35
N VAL A 376 -5.51 -3.47 -24.13
CA VAL A 376 -4.46 -2.58 -24.56
C VAL A 376 -3.30 -2.79 -23.62
N VAL A 377 -2.15 -3.12 -24.21
CA VAL A 377 -1.01 -3.59 -23.45
C VAL A 377 0.18 -2.64 -23.51
N LEU A 378 0.82 -2.39 -22.36
CA LEU A 378 1.98 -1.49 -22.27
C LEU A 378 3.01 -2.06 -21.31
N GLY A 379 4.18 -1.42 -21.29
CA GLY A 379 5.17 -1.72 -20.25
C GLY A 379 6.11 -2.84 -20.64
N GLU A 380 7.07 -3.04 -19.74
CA GLU A 380 8.14 -4.03 -19.95
C GLU A 380 7.63 -5.43 -20.21
N SER A 381 6.55 -5.82 -19.54
CA SER A 381 5.98 -7.16 -19.67
C SER A 381 4.98 -7.34 -20.80
N ALA A 382 4.85 -6.34 -21.68
CA ALA A 382 3.82 -6.38 -22.70
C ALA A 382 3.76 -7.69 -23.51
N SER A 383 4.90 -8.19 -23.97
CA SER A 383 4.93 -9.39 -24.80
CA SER A 383 4.91 -9.39 -24.81
C SER A 383 4.35 -10.60 -24.06
N ARG A 384 4.60 -10.68 -22.76
CA ARG A 384 4.08 -11.78 -21.95
C ARG A 384 2.58 -11.64 -21.76
N VAL A 385 2.11 -10.42 -21.53
CA VAL A 385 0.66 -10.20 -21.40
C VAL A 385 -0.03 -10.51 -22.74
N LYS A 386 0.60 -10.16 -23.84
CA LYS A 386 0.02 -10.40 -25.17
C LYS A 386 -0.11 -11.88 -25.48
N ARG A 387 0.87 -12.67 -25.01
CA ARG A 387 0.80 -14.13 -25.21
C ARG A 387 -0.41 -14.71 -24.49
N ALA A 388 -0.74 -14.22 -23.30
CA ALA A 388 -1.94 -14.66 -22.61
C ALA A 388 -3.23 -14.23 -23.32
N ALA A 389 -3.25 -13.00 -23.85
CA ALA A 389 -4.40 -12.51 -24.60
C ALA A 389 -4.61 -13.38 -25.84
N GLN A 390 -3.52 -13.71 -26.52
CA GLN A 390 -3.56 -14.56 -27.72
C GLN A 390 -4.16 -15.95 -27.42
N LYS A 391 -3.72 -16.55 -26.31
CA LYS A 391 -4.27 -17.85 -25.90
C LYS A 391 -5.72 -17.77 -25.45
N ALA A 392 -6.12 -16.64 -24.87
CA ALA A 392 -7.52 -16.46 -24.44
C ALA A 392 -8.46 -16.01 -25.56
N GLY A 393 -7.92 -15.81 -26.76
CA GLY A 393 -8.69 -15.36 -27.92
C GLY A 393 -9.16 -13.91 -27.81
N VAL A 394 -8.39 -13.10 -27.09
CA VAL A 394 -8.75 -11.69 -26.89
C VAL A 394 -7.90 -10.85 -27.84
N THR A 395 -8.52 -9.90 -28.53
CA THR A 395 -7.77 -9.00 -29.40
C THR A 395 -7.02 -8.00 -28.54
N TYR A 396 -5.87 -7.59 -29.03
CA TYR A 396 -5.01 -6.69 -28.28
C TYR A 396 -4.33 -5.68 -29.17
N SER A 397 -3.90 -4.59 -28.56
CA SER A 397 -3.06 -3.61 -29.24
C SER A 397 -2.06 -3.04 -28.26
N ASP A 398 -1.05 -2.36 -28.80
CA ASP A 398 0.04 -1.83 -28.01
C ASP A 398 -0.21 -0.37 -27.67
N ALA A 399 0.31 0.04 -26.51
CA ALA A 399 0.32 1.45 -26.10
C ALA A 399 1.67 1.81 -25.52
N LEU A 400 2.02 3.09 -25.65
CA LEU A 400 3.29 3.63 -25.21
C LEU A 400 3.38 3.87 -23.70
N ASP A 401 2.22 4.18 -23.11
CA ASP A 401 2.12 4.54 -21.66
C ASP A 401 0.64 4.55 -21.33
N VAL A 402 0.31 4.79 -20.06
CA VAL A 402 -1.09 4.76 -19.65
C VAL A 402 -1.95 5.78 -20.39
N ARG A 403 -1.41 7.00 -20.57
CA ARG A 403 -2.15 8.02 -21.34
C ARG A 403 -2.55 7.50 -22.72
N ASP A 404 -1.55 6.98 -23.45
CA ASP A 404 -1.81 6.44 -24.77
C ASP A 404 -2.79 5.28 -24.70
N ALA A 405 -2.68 4.44 -23.68
CA ALA A 405 -3.59 3.30 -23.58
C ALA A 405 -5.05 3.72 -23.37
N VAL A 406 -5.27 4.76 -22.55
CA VAL A 406 -6.61 5.30 -22.32
C VAL A 406 -7.19 5.86 -23.62
N HIS A 407 -6.38 6.60 -24.37
CA HIS A 407 -6.87 7.15 -25.64
C HIS A 407 -7.22 6.04 -26.60
N LYS A 408 -6.35 5.03 -26.69
CA LYS A 408 -6.57 3.92 -27.60
C LYS A 408 -7.79 3.11 -27.21
N ALA A 409 -7.94 2.87 -25.91
CA ALA A 409 -9.12 2.16 -25.44
C ALA A 409 -10.41 2.94 -25.76
N TYR A 410 -10.39 4.25 -25.54
CA TYR A 410 -11.56 5.07 -25.75
C TYR A 410 -11.99 5.05 -27.23
N GLU A 411 -11.01 5.01 -28.12
CA GLU A 411 -11.29 5.02 -29.55
C GLU A 411 -11.93 3.70 -30.02
N VAL A 412 -11.76 2.62 -29.24
CA VAL A 412 -12.43 1.36 -29.61
CA VAL A 412 -12.33 1.27 -29.47
C VAL A 412 -13.69 1.09 -28.78
N ALA A 413 -13.96 1.95 -27.81
CA ALA A 413 -15.09 1.78 -26.94
C ALA A 413 -16.36 2.35 -27.55
N GLN A 414 -17.51 1.85 -27.10
CA GLN A 414 -18.81 2.39 -27.49
C GLN A 414 -19.64 2.54 -26.24
N GLN A 415 -20.75 3.26 -26.33
CA GLN A 415 -21.71 3.42 -25.22
C GLN A 415 -21.94 2.08 -24.49
N GLY A 416 -21.81 2.11 -23.17
CA GLY A 416 -22.03 0.94 -22.32
C GLY A 416 -20.78 0.15 -21.98
N ASP A 417 -19.68 0.43 -22.66
CA ASP A 417 -18.40 -0.22 -22.37
C ASP A 417 -17.74 0.32 -21.11
N VAL A 418 -16.75 -0.44 -20.62
CA VAL A 418 -15.93 -0.07 -19.47
C VAL A 418 -14.46 -0.04 -19.89
N ILE A 419 -13.76 1.03 -19.53
CA ILE A 419 -12.30 1.07 -19.66
C ILE A 419 -11.72 0.88 -18.27
N LEU A 420 -10.96 -0.21 -18.10
CA LEU A 420 -10.44 -0.63 -16.81
C LEU A 420 -8.92 -0.69 -16.86
N LEU A 421 -8.29 0.09 -16.01
CA LEU A 421 -6.85 -0.02 -15.81
C LEU A 421 -6.66 -0.95 -14.62
N SER A 422 -6.30 -2.20 -14.89
CA SER A 422 -6.03 -3.18 -13.80
C SER A 422 -4.81 -3.96 -14.25
N PRO A 423 -3.62 -3.41 -13.99
CA PRO A 423 -2.48 -3.82 -14.82
C PRO A 423 -1.84 -5.18 -14.56
N ALA A 424 -2.12 -5.77 -13.41
CA ALA A 424 -1.56 -7.12 -13.02
C ALA A 424 -0.04 -7.13 -12.93
N ASN A 425 0.55 -5.93 -12.88
CA ASN A 425 2.00 -5.71 -12.85
C ASN A 425 2.28 -4.47 -12.01
N ALA A 426 3.45 -4.43 -11.41
CA ALA A 426 3.95 -3.23 -10.73
C ALA A 426 4.25 -2.14 -11.75
N SER A 427 4.38 -0.92 -11.25
CA SER A 427 4.44 0.25 -12.13
C SER A 427 5.85 0.69 -12.45
N TRP A 428 6.84 0.07 -11.80
CA TRP A 428 8.17 0.69 -11.61
C TRP A 428 9.05 0.81 -12.85
N ASP A 429 8.72 0.10 -13.93
CA ASP A 429 9.44 0.33 -15.18
C ASP A 429 9.21 1.75 -15.75
N MSE A 430 8.08 2.36 -15.41
CA MSE A 430 7.63 3.62 -16.05
C MSE A 430 7.14 4.68 -15.07
O MSE A 430 7.20 5.87 -15.38
CB MSE A 430 6.54 3.36 -17.08
CG MSE A 430 7.02 2.61 -18.29
SE MSE A 430 5.50 2.30 -19.49
CE MSE A 430 5.10 4.15 -19.84
N TYR A 431 6.65 4.25 -13.90
CA TYR A 431 6.09 5.19 -12.91
C TYR A 431 6.61 4.84 -11.51
N LYS A 432 6.92 5.88 -10.74
CA LYS A 432 7.55 5.63 -9.43
C LYS A 432 6.72 4.74 -8.50
N ASN A 433 5.41 4.84 -8.63
CA ASN A 433 4.50 4.05 -7.80
C ASN A 433 3.14 3.94 -8.46
N PHE A 434 2.30 3.05 -7.95
CA PHE A 434 0.99 2.80 -8.56
C PHE A 434 0.10 4.05 -8.53
N GLU A 435 0.35 4.96 -7.59
CA GLU A 435 -0.39 6.21 -7.53
C GLU A 435 -0.08 7.15 -8.70
N VAL A 436 1.19 7.32 -9.04
CA VAL A 436 1.58 8.13 -10.19
C VAL A 436 0.96 7.55 -11.47
N ARG A 437 0.97 6.21 -11.57
CA ARG A 437 0.35 5.54 -12.72
C ARG A 437 -1.16 5.78 -12.80
N GLY A 438 -1.85 5.66 -11.67
CA GLY A 438 -3.30 5.88 -11.64
C GLY A 438 -3.63 7.35 -11.91
N ASP A 439 -2.78 8.26 -11.43
CA ASP A 439 -2.99 9.71 -11.72
C ASP A 439 -2.91 10.02 -13.22
N GLU A 440 -2.03 9.33 -13.94
CA GLU A 440 -2.01 9.52 -15.40
C GLU A 440 -3.33 9.03 -16.05
N PHE A 441 -3.89 7.93 -15.54
CA PHE A 441 -5.20 7.44 -16.00
C PHE A 441 -6.29 8.48 -15.72
N ILE A 442 -6.32 8.98 -14.49
CA ILE A 442 -7.26 10.03 -14.10
C ILE A 442 -7.16 11.26 -14.96
N ASP A 443 -5.94 11.73 -15.17
CA ASP A 443 -5.70 12.97 -15.95
C ASP A 443 -6.17 12.78 -17.39
N THR A 444 -5.94 11.59 -17.94
CA THR A 444 -6.36 11.34 -19.32
C THR A 444 -7.89 11.27 -19.44
N PHE A 445 -8.54 10.60 -18.48
CA PHE A 445 -10.00 10.60 -18.41
C PHE A 445 -10.52 12.04 -18.35
N GLU A 446 -9.93 12.87 -17.50
CA GLU A 446 -10.40 14.25 -17.36
C GLU A 446 -10.25 15.04 -18.65
N SER A 447 -9.15 14.79 -19.39
CA SER A 447 -8.93 15.44 -20.68
CA SER A 447 -8.93 15.44 -20.68
C SER A 447 -9.99 15.02 -21.69
N LEU A 448 -10.39 13.75 -21.67
CA LEU A 448 -11.42 13.27 -22.58
C LEU A 448 -12.82 13.76 -22.21
N ARG A 449 -13.02 13.98 -20.91
CA ARG A 449 -14.33 14.36 -20.39
C ARG A 449 -14.59 15.84 -20.65
N GLY A 450 -13.57 16.67 -20.40
CA GLY A 450 -13.74 18.11 -20.38
C GLY A 450 -14.10 18.53 -18.96
N GLU A 451 -14.44 19.80 -18.79
CA GLU A 451 -14.67 20.37 -17.45
C GLU A 451 -16.09 20.87 -17.29
S SO4 B . -6.53 -4.44 2.61
O1 SO4 B . -5.94 -4.67 3.94
O2 SO4 B . -7.97 -4.71 2.64
O3 SO4 B . -6.33 -3.05 2.22
O4 SO4 B . -5.90 -5.33 1.60
S SO4 C . -19.11 17.73 18.62
O1 SO4 C . -20.34 17.47 19.41
O2 SO4 C . -19.53 17.67 17.22
O3 SO4 C . -18.57 19.05 18.90
O4 SO4 C . -18.14 16.68 19.05
CL CL D . 4.05 1.14 -5.78
#